data_7RDN
#
_entry.id   7RDN
#
_cell.length_a   53.010
_cell.length_b   53.010
_cell.length_c   171.270
_cell.angle_alpha   90.000
_cell.angle_beta   90.000
_cell.angle_gamma   120.000
#
_symmetry.space_group_name_H-M   'P 31 2 1'
#
loop_
_entity.id
_entity.type
_entity.pdbx_description
1 polymer 'Pre-mRNA leakage protein 39'
2 non-polymer 'ZINC ION'
#
_entity_poly.entity_id   1
_entity_poly.type   'polypeptide(L)'
_entity_poly.pdbx_seq_one_letter_code
;GPHMAMGFRLHDLRALLKRICSIQNYTRHVLIEWDVRWVNPLTLASKGWEPYQSASQSQVPFKCCCCHAIMTIPLLKNGD
DVADYTMKLNEKIWNSNIIGNHLQKCPWRENQVDLNKEYYLSSQNLIREIERIHTEIDRIVSGSNEFSLKRNSSRIFHYL
SEKEIQKLAFFFDCKDYSLVGLLLLGYTKFQKDDLVQCTACFHRASLKKLEYTEFNGHALWCRYYNKELLPTMLLELIGK
EDKLITK
;
_entity_poly.pdbx_strand_id   A
#
# COMPACT_ATOMS: atom_id res chain seq x y z
N ARG A 9 14.93 -1.69 -14.01
CA ARG A 9 13.67 -1.42 -14.69
C ARG A 9 12.94 -0.27 -14.00
N LEU A 10 12.31 0.60 -14.81
CA LEU A 10 11.61 1.74 -14.24
C LEU A 10 10.34 1.31 -13.53
N HIS A 11 9.60 0.36 -14.09
CA HIS A 11 8.29 -0.02 -13.57
C HIS A 11 8.35 -1.25 -12.67
N ASP A 12 9.52 -1.59 -12.16
CA ASP A 12 9.65 -2.77 -11.32
C ASP A 12 8.78 -2.63 -10.07
N LEU A 13 7.94 -3.64 -9.84
CA LEU A 13 7.02 -3.60 -8.71
C LEU A 13 7.77 -3.60 -7.38
N ARG A 14 8.80 -4.43 -7.26
CA ARG A 14 9.50 -4.57 -5.99
C ARG A 14 10.15 -3.25 -5.57
N ALA A 15 10.78 -2.55 -6.51
CA ALA A 15 11.40 -1.27 -6.19
C ALA A 15 10.35 -0.27 -5.73
N LEU A 16 9.20 -0.24 -6.42
CA LEU A 16 8.11 0.64 -6.01
C LEU A 16 7.67 0.33 -4.59
N LEU A 17 7.48 -0.95 -4.28
CA LEU A 17 7.02 -1.34 -2.96
C LEU A 17 8.03 -0.94 -1.89
N LYS A 18 9.32 -1.10 -2.18
CA LYS A 18 10.31 -0.73 -1.17
C LYS A 18 10.37 0.79 -0.99
N ARG A 19 10.20 1.56 -2.06
CA ARG A 19 10.12 3.01 -1.90
C ARG A 19 8.93 3.39 -1.03
N ILE A 20 7.77 2.78 -1.28
CA ILE A 20 6.60 3.05 -0.46
C ILE A 20 6.88 2.70 1.00
N CYS A 21 7.51 1.55 1.22
CA CYS A 21 7.77 1.10 2.58
C CYS A 21 8.69 2.06 3.31
N SER A 22 9.76 2.50 2.65
CA SER A 22 10.67 3.43 3.30
C SER A 22 9.98 4.76 3.60
N ILE A 23 9.16 5.25 2.66
CA ILE A 23 8.43 6.48 2.88
C ILE A 23 7.53 6.35 4.11
N GLN A 24 6.80 5.23 4.21
CA GLN A 24 5.96 5.02 5.37
C GLN A 24 6.79 4.94 6.65
N ASN A 25 7.95 4.29 6.58
CA ASN A 25 8.78 4.13 7.77
C ASN A 25 9.27 5.48 8.30
N TYR A 26 9.81 6.32 7.43
CA TYR A 26 10.33 7.60 7.89
C TYR A 26 9.24 8.62 8.17
N THR A 27 7.99 8.32 7.81
CA THR A 27 6.85 9.19 8.06
C THR A 27 6.12 8.83 9.35
N ARG A 28 6.51 7.75 10.03
CA ARG A 28 5.75 7.29 11.19
C ARG A 28 5.74 8.33 12.31
N HIS A 29 6.87 9.00 12.54
CA HIS A 29 6.98 10.01 13.58
C HIS A 29 6.38 11.35 13.18
N VAL A 30 5.60 11.39 12.09
CA VAL A 30 5.02 12.63 11.58
C VAL A 30 3.65 12.31 11.01
N LEU A 31 2.74 13.27 11.13
CA LEU A 31 1.40 13.16 10.56
C LEU A 31 1.33 14.02 9.30
N ILE A 32 0.92 13.40 8.19
CA ILE A 32 0.93 14.05 6.89
C ILE A 32 -0.45 13.91 6.25
N GLU A 33 -0.90 14.98 5.61
CA GLU A 33 -2.22 15.03 4.99
C GLU A 33 -2.09 14.63 3.52
N TRP A 34 -2.06 13.33 3.30
CA TRP A 34 -2.02 12.82 1.93
C TRP A 34 -3.41 12.93 1.29
N ASP A 35 -3.44 12.80 -0.03
CA ASP A 35 -4.68 12.68 -0.78
C ASP A 35 -4.52 11.54 -1.77
N VAL A 36 -5.64 10.96 -2.18
CA VAL A 36 -5.58 9.72 -2.95
C VAL A 36 -5.07 9.92 -4.38
N ARG A 37 -5.08 11.15 -4.90
CA ARG A 37 -4.76 11.38 -6.29
C ARG A 37 -3.40 12.04 -6.51
N TRP A 38 -3.12 13.14 -5.83
CA TRP A 38 -1.94 13.94 -6.17
C TRP A 38 -0.72 13.55 -5.35
N VAL A 39 -0.79 13.67 -4.02
CA VAL A 39 0.37 13.52 -3.15
C VAL A 39 0.05 12.43 -2.13
N ASN A 40 0.76 11.31 -2.23
CA ASN A 40 0.71 10.24 -1.25
C ASN A 40 1.91 9.35 -1.47
N PRO A 41 2.29 8.53 -0.48
CA PRO A 41 3.49 7.71 -0.64
C PRO A 41 3.49 6.94 -1.96
N LEU A 42 2.30 6.56 -2.44
CA LEU A 42 2.21 5.80 -3.68
C LEU A 42 2.63 6.66 -4.88
N THR A 43 2.11 7.89 -4.98
CA THR A 43 2.46 8.72 -6.14
C THR A 43 3.92 9.17 -6.09
N LEU A 44 4.41 9.53 -4.90
CA LEU A 44 5.82 9.81 -4.73
C LEU A 44 6.67 8.64 -5.19
N ALA A 45 6.36 7.43 -4.71
CA ALA A 45 7.15 6.27 -5.09
C ALA A 45 7.06 6.02 -6.59
N SER A 46 5.86 6.16 -7.16
CA SER A 46 5.68 5.95 -8.59
C SER A 46 6.48 6.94 -9.40
N LYS A 47 6.86 8.08 -8.82
CA LYS A 47 7.71 9.04 -9.51
C LYS A 47 9.16 8.99 -9.01
N GLY A 48 9.59 7.85 -8.46
CA GLY A 48 10.98 7.63 -8.14
C GLY A 48 11.49 8.35 -6.92
N TRP A 49 10.63 8.93 -6.11
CA TRP A 49 11.06 9.67 -4.94
C TRP A 49 11.29 8.75 -3.75
N GLU A 50 12.35 9.00 -3.02
CA GLU A 50 12.72 8.27 -1.82
C GLU A 50 12.94 9.26 -0.69
N PRO A 51 12.80 8.82 0.56
CA PRO A 51 13.11 9.70 1.68
C PRO A 51 14.56 10.17 1.62
N TYR A 52 14.78 11.46 1.83
CA TYR A 52 16.11 12.04 1.73
C TYR A 52 16.78 12.16 3.09
N GLN A 53 16.13 12.85 4.03
CA GLN A 53 16.63 13.00 5.39
C GLN A 53 15.43 12.96 6.31
N SER A 54 15.70 12.95 7.61
CA SER A 54 14.61 12.92 8.58
C SER A 54 13.78 14.19 8.48
N ALA A 55 12.45 14.01 8.44
CA ALA A 55 11.55 15.15 8.32
C ALA A 55 11.46 15.91 9.63
N SER A 56 11.45 17.23 9.53
CA SER A 56 11.25 18.07 10.69
C SER A 56 9.76 18.14 11.04
N GLN A 57 9.43 18.91 12.07
CA GLN A 57 8.04 19.12 12.43
C GLN A 57 7.29 19.93 11.39
N SER A 58 7.99 20.52 10.42
CA SER A 58 7.39 21.42 9.45
C SER A 58 7.42 20.93 8.02
N GLN A 59 8.41 20.13 7.62
CA GLN A 59 8.53 19.75 6.22
C GLN A 59 9.19 18.39 6.09
N VAL A 60 8.83 17.68 5.02
CA VAL A 60 9.31 16.32 4.77
C VAL A 60 10.05 16.29 3.44
N PRO A 61 11.37 16.07 3.43
CA PRO A 61 12.10 16.11 2.16
C PRO A 61 12.24 14.75 1.49
N PHE A 62 12.34 14.80 0.16
CA PHE A 62 12.50 13.62 -0.66
C PHE A 62 13.55 13.87 -1.73
N LYS A 63 14.20 12.80 -2.16
CA LYS A 63 15.26 12.84 -3.16
C LYS A 63 14.97 11.79 -4.23
N CYS A 64 15.23 12.16 -5.48
CA CYS A 64 14.99 11.23 -6.58
C CYS A 64 16.16 10.25 -6.70
N CYS A 65 15.83 8.98 -6.89
CA CYS A 65 16.86 7.94 -6.94
C CYS A 65 17.75 8.05 -8.16
N CYS A 66 17.37 8.83 -9.17
CA CYS A 66 18.19 9.06 -10.36
C CYS A 66 18.72 10.48 -10.44
N CYS A 67 17.84 11.47 -10.35
CA CYS A 67 18.29 12.87 -10.37
C CYS A 67 19.25 13.15 -9.23
N HIS A 68 18.87 12.77 -8.01
CA HIS A 68 19.40 13.30 -6.76
C HIS A 68 18.83 14.69 -6.48
N ALA A 69 17.80 15.09 -7.20
CA ALA A 69 17.12 16.36 -6.95
C ALA A 69 16.23 16.24 -5.73
N ILE A 70 15.97 17.38 -5.08
CA ILE A 70 15.29 17.42 -3.79
C ILE A 70 13.95 18.12 -3.96
N MET A 71 12.93 17.56 -3.32
CA MET A 71 11.64 18.23 -3.18
C MET A 71 11.23 18.16 -1.71
N THR A 72 10.15 18.87 -1.37
CA THR A 72 9.71 18.97 0.01
C THR A 72 8.19 19.04 0.07
N ILE A 73 7.62 18.38 1.07
CA ILE A 73 6.20 18.40 1.36
C ILE A 73 5.98 19.20 2.63
N PRO A 74 5.21 20.29 2.60
CA PRO A 74 4.95 21.04 3.83
C PRO A 74 4.05 20.28 4.79
N LEU A 75 4.12 20.69 6.06
CA LEU A 75 3.24 20.21 7.12
C LEU A 75 2.54 21.40 7.76
N LEU A 76 1.25 21.23 8.05
CA LEU A 76 0.47 22.27 8.73
C LEU A 76 -0.48 21.61 9.72
N LYS A 77 -0.78 22.33 10.80
CA LYS A 77 -1.62 21.81 11.86
C LYS A 77 -3.08 22.22 11.67
N VAL A 82 -6.05 23.78 7.39
CA VAL A 82 -5.48 22.56 6.83
C VAL A 82 -6.34 22.06 5.67
N ALA A 83 -7.57 21.65 5.98
CA ALA A 83 -8.46 21.12 4.96
C ALA A 83 -8.89 22.17 3.94
N ASP A 84 -8.66 23.45 4.22
CA ASP A 84 -9.17 24.50 3.34
C ASP A 84 -8.56 24.42 1.95
N TYR A 85 -7.24 24.20 1.87
CA TYR A 85 -6.52 24.32 0.60
C TYR A 85 -5.67 23.11 0.29
N THR A 86 -5.96 21.95 0.91
CA THR A 86 -5.13 20.78 0.69
C THR A 86 -5.16 20.33 -0.76
N MET A 87 -6.33 20.36 -1.39
CA MET A 87 -6.45 19.85 -2.76
C MET A 87 -5.65 20.69 -3.74
N LYS A 88 -5.86 22.00 -3.73
CA LYS A 88 -5.15 22.87 -4.66
C LYS A 88 -3.64 22.81 -4.42
N LEU A 89 -3.24 22.87 -3.15
CA LEU A 89 -1.81 22.80 -2.84
C LEU A 89 -1.21 21.48 -3.30
N ASN A 90 -1.90 20.37 -3.08
CA ASN A 90 -1.34 19.07 -3.41
C ASN A 90 -1.25 18.89 -4.93
N GLU A 91 -2.25 19.37 -5.68
CA GLU A 91 -2.16 19.34 -7.13
C GLU A 91 -0.97 20.15 -7.61
N LYS A 92 -0.77 21.35 -7.03
CA LYS A 92 0.39 22.15 -7.37
C LYS A 92 1.68 21.41 -7.07
N ILE A 93 1.75 20.76 -5.91
CA ILE A 93 2.96 20.03 -5.53
C ILE A 93 3.23 18.90 -6.51
N TRP A 94 2.19 18.16 -6.89
CA TRP A 94 2.35 17.08 -7.85
C TRP A 94 2.93 17.62 -9.16
N ASN A 95 2.36 18.71 -9.68
CA ASN A 95 2.82 19.19 -10.98
C ASN A 95 4.21 19.81 -10.91
N SER A 96 4.49 20.59 -9.86
CA SER A 96 5.72 21.37 -9.80
C SER A 96 6.87 20.69 -9.08
N ASN A 97 6.58 19.78 -8.14
CA ASN A 97 7.62 19.15 -7.35
C ASN A 97 7.79 17.68 -7.69
N ILE A 98 6.73 16.88 -7.60
CA ILE A 98 6.86 15.44 -7.85
C ILE A 98 7.27 15.20 -9.30
N ILE A 99 6.78 16.03 -10.22
CA ILE A 99 7.23 16.01 -11.61
C ILE A 99 8.30 17.07 -11.86
N GLY A 100 8.02 18.32 -11.47
CA GLY A 100 8.86 19.42 -11.92
C GLY A 100 10.28 19.36 -11.39
N ASN A 101 10.45 19.03 -10.12
CA ASN A 101 11.78 19.07 -9.52
C ASN A 101 12.75 18.10 -10.17
N HIS A 102 12.25 17.11 -10.93
CA HIS A 102 13.14 16.21 -11.65
C HIS A 102 13.95 16.99 -12.67
N LEU A 103 15.21 16.59 -12.83
CA LEU A 103 16.04 17.17 -13.88
C LEU A 103 15.42 16.86 -15.25
N GLN A 104 15.74 17.72 -16.22
CA GLN A 104 14.99 17.73 -17.47
C GLN A 104 15.01 16.37 -18.16
N LYS A 105 16.15 15.69 -18.15
CA LYS A 105 16.31 14.44 -18.87
C LYS A 105 16.24 13.22 -17.97
N CYS A 106 15.86 13.38 -16.72
CA CYS A 106 15.71 12.23 -15.85
C CYS A 106 14.51 11.39 -16.30
N PRO A 107 14.63 10.07 -16.27
CA PRO A 107 13.51 9.24 -16.75
C PRO A 107 12.23 9.42 -15.96
N TRP A 108 12.32 9.80 -14.69
CA TRP A 108 11.13 9.93 -13.85
C TRP A 108 10.30 11.16 -14.18
N ARG A 109 10.85 12.15 -14.89
CA ARG A 109 10.10 13.37 -15.15
C ARG A 109 8.88 13.10 -16.01
N GLU A 110 9.05 12.39 -17.13
CA GLU A 110 7.98 12.14 -18.08
C GLU A 110 7.40 10.73 -17.99
N ASN A 111 7.97 9.86 -17.15
CA ASN A 111 7.48 8.50 -17.00
C ASN A 111 6.98 8.27 -15.58
N GLN A 112 6.17 7.23 -15.42
CA GLN A 112 5.59 6.89 -14.13
C GLN A 112 5.25 5.41 -14.13
N VAL A 113 5.38 4.79 -12.95
CA VAL A 113 4.99 3.40 -12.80
C VAL A 113 3.50 3.28 -13.06
N ASP A 114 3.10 2.27 -13.83
CA ASP A 114 1.69 2.03 -14.12
C ASP A 114 1.04 1.39 -12.90
N LEU A 115 0.48 2.24 -12.02
CA LEU A 115 -0.04 1.74 -10.75
C LEU A 115 -1.22 0.80 -10.94
N ASN A 116 -2.13 1.12 -11.87
CA ASN A 116 -3.27 0.25 -12.12
C ASN A 116 -2.82 -1.14 -12.56
N LYS A 117 -1.77 -1.20 -13.39
CA LYS A 117 -1.32 -2.49 -13.90
C LYS A 117 -0.58 -3.28 -12.85
N GLU A 118 0.27 -2.62 -12.06
CA GLU A 118 1.22 -3.31 -11.20
C GLU A 118 0.85 -3.27 -9.72
N TYR A 119 0.26 -2.17 -9.24
CA TYR A 119 -0.01 -2.02 -7.82
C TYR A 119 -1.42 -2.42 -7.44
N TYR A 120 -2.43 -1.85 -8.09
CA TYR A 120 -3.81 -2.13 -7.73
C TYR A 120 -4.27 -3.47 -8.31
N LEU A 121 -5.26 -4.06 -7.66
CA LEU A 121 -5.71 -5.39 -8.04
C LEU A 121 -6.30 -5.39 -9.45
N SER A 122 -6.03 -6.48 -10.17
CA SER A 122 -6.62 -6.71 -11.48
C SER A 122 -6.60 -8.21 -11.73
N SER A 123 -7.40 -8.64 -12.71
CA SER A 123 -7.46 -10.06 -13.01
C SER A 123 -6.10 -10.61 -13.41
N GLN A 124 -5.23 -9.77 -13.98
CA GLN A 124 -3.94 -10.22 -14.47
C GLN A 124 -2.88 -10.33 -13.38
N ASN A 125 -3.11 -9.77 -12.18
CA ASN A 125 -2.16 -9.87 -11.08
C ASN A 125 -2.79 -10.45 -9.81
N LEU A 126 -4.03 -10.95 -9.88
CA LEU A 126 -4.63 -11.63 -8.74
C LEU A 126 -3.84 -12.87 -8.36
N ILE A 127 -3.21 -13.52 -9.34
CA ILE A 127 -2.43 -14.72 -9.07
C ILE A 127 -1.30 -14.41 -8.09
N ARG A 128 -0.79 -13.18 -8.12
CA ARG A 128 0.23 -12.81 -7.14
C ARG A 128 -0.31 -12.86 -5.73
N GLU A 129 -1.56 -12.39 -5.54
CA GLU A 129 -2.18 -12.48 -4.22
C GLU A 129 -2.38 -13.92 -3.81
N ILE A 130 -2.79 -14.78 -4.76
CA ILE A 130 -2.94 -16.19 -4.44
C ILE A 130 -1.60 -16.78 -3.99
N GLU A 131 -0.53 -16.45 -4.72
CA GLU A 131 0.79 -16.93 -4.35
C GLU A 131 1.17 -16.45 -2.95
N ARG A 132 0.91 -15.18 -2.65
CA ARG A 132 1.27 -14.63 -1.34
C ARG A 132 0.56 -15.39 -0.24
N ILE A 133 -0.75 -15.62 -0.40
CA ILE A 133 -1.52 -16.30 0.65
C ILE A 133 -1.00 -17.71 0.83
N HIS A 134 -0.77 -18.44 -0.27
CA HIS A 134 -0.27 -19.79 -0.15
C HIS A 134 1.09 -19.83 0.53
N THR A 135 1.99 -18.89 0.17
CA THR A 135 3.32 -18.87 0.76
C THR A 135 3.25 -18.57 2.25
N GLU A 136 2.38 -17.65 2.66
CA GLU A 136 2.23 -17.36 4.09
C GLU A 136 1.75 -18.61 4.82
N ILE A 137 0.77 -19.31 4.25
CA ILE A 137 0.25 -20.52 4.89
C ILE A 137 1.36 -21.54 5.04
N ASP A 138 2.16 -21.74 3.99
CA ASP A 138 3.24 -22.71 4.04
C ASP A 138 4.28 -22.33 5.09
N ARG A 139 4.65 -21.05 5.15
CA ARG A 139 5.63 -20.63 6.13
C ARG A 139 5.10 -20.80 7.54
N ILE A 140 3.79 -20.71 7.74
CA ILE A 140 3.23 -20.92 9.07
C ILE A 140 3.28 -22.41 9.43
N VAL A 141 2.83 -23.28 8.52
CA VAL A 141 2.82 -24.71 8.85
C VAL A 141 4.24 -25.22 9.03
N SER A 142 5.18 -24.70 8.24
CA SER A 142 6.58 -25.08 8.36
C SER A 142 7.13 -24.73 9.74
N PHE A 157 -11.00 -12.33 12.34
CA PHE A 157 -11.28 -11.44 11.23
C PHE A 157 -12.35 -12.03 10.32
N HIS A 158 -13.61 -11.87 10.70
CA HIS A 158 -14.74 -12.42 9.95
C HIS A 158 -15.61 -11.28 9.46
N TYR A 159 -15.73 -11.14 8.13
CA TYR A 159 -16.59 -10.13 7.54
C TYR A 159 -17.34 -10.65 6.32
N LEU A 160 -17.24 -11.94 6.03
CA LEU A 160 -17.94 -12.56 4.91
C LEU A 160 -18.90 -13.61 5.44
N SER A 161 -19.87 -13.97 4.60
CA SER A 161 -20.81 -15.01 4.98
C SER A 161 -20.07 -16.33 5.18
N GLU A 162 -20.56 -17.16 6.11
CA GLU A 162 -19.96 -18.47 6.32
C GLU A 162 -19.85 -19.22 5.00
N LYS A 163 -20.87 -19.08 4.14
CA LYS A 163 -20.80 -19.66 2.80
C LYS A 163 -19.53 -19.25 2.08
N GLU A 164 -19.20 -17.95 2.12
CA GLU A 164 -18.08 -17.44 1.34
C GLU A 164 -16.73 -17.80 1.95
N ILE A 165 -16.59 -17.65 3.26
CA ILE A 165 -15.31 -17.97 3.89
C ILE A 165 -15.05 -19.46 3.79
N GLN A 166 -16.09 -20.29 3.82
CA GLN A 166 -15.89 -21.72 3.60
C GLN A 166 -15.21 -21.97 2.26
N LYS A 167 -15.74 -21.39 1.19
CA LYS A 167 -15.16 -21.60 -0.14
C LYS A 167 -13.74 -21.04 -0.20
N LEU A 168 -13.52 -19.84 0.36
CA LEU A 168 -12.20 -19.24 0.29
C LEU A 168 -11.17 -20.08 1.03
N ALA A 169 -11.52 -20.57 2.23
CA ALA A 169 -10.60 -21.43 2.97
C ALA A 169 -10.36 -22.74 2.22
N PHE A 170 -11.40 -23.28 1.59
CA PHE A 170 -11.25 -24.52 0.83
C PHE A 170 -10.27 -24.32 -0.32
N PHE A 171 -10.36 -23.19 -1.02
CA PHE A 171 -9.48 -22.96 -2.16
C PHE A 171 -8.01 -22.96 -1.77
N PHE A 172 -7.70 -22.56 -0.54
CA PHE A 172 -6.33 -22.48 -0.07
C PHE A 172 -5.92 -23.68 0.78
N ASP A 173 -6.76 -24.72 0.83
CA ASP A 173 -6.44 -25.94 1.57
C ASP A 173 -6.03 -25.62 3.01
N CYS A 174 -6.80 -24.73 3.64
CA CYS A 174 -6.48 -24.23 4.97
C CYS A 174 -7.67 -24.48 5.89
N LYS A 175 -7.37 -25.02 7.08
CA LYS A 175 -8.40 -25.26 8.09
C LYS A 175 -8.64 -24.06 8.98
N ASP A 176 -7.70 -23.11 9.04
CA ASP A 176 -7.82 -21.93 9.89
C ASP A 176 -8.50 -20.83 9.10
N TYR A 177 -9.79 -20.63 9.34
CA TYR A 177 -10.55 -19.62 8.60
C TYR A 177 -10.05 -18.22 8.92
N SER A 178 -9.72 -17.95 10.19
CA SER A 178 -9.30 -16.62 10.60
C SER A 178 -8.02 -16.20 9.88
N LEU A 179 -7.06 -17.13 9.75
CA LEU A 179 -5.85 -16.82 9.02
C LEU A 179 -6.16 -16.47 7.57
N VAL A 180 -7.08 -17.21 6.96
CA VAL A 180 -7.44 -16.94 5.56
C VAL A 180 -7.99 -15.53 5.44
N GLY A 181 -8.90 -15.15 6.35
CA GLY A 181 -9.43 -13.80 6.31
C GLY A 181 -8.35 -12.75 6.50
N LEU A 182 -7.47 -12.96 7.49
CA LEU A 182 -6.41 -12.00 7.75
C LEU A 182 -5.54 -11.80 6.52
N LEU A 183 -5.16 -12.90 5.86
CA LEU A 183 -4.34 -12.79 4.66
C LEU A 183 -5.11 -12.15 3.51
N LEU A 184 -6.43 -12.38 3.45
CA LEU A 184 -7.24 -11.72 2.44
C LEU A 184 -7.35 -10.22 2.68
N LEU A 185 -7.09 -9.76 3.90
CA LEU A 185 -7.01 -8.32 4.15
C LEU A 185 -5.65 -7.73 3.79
N GLY A 186 -4.72 -8.54 3.28
CA GLY A 186 -3.43 -8.05 2.83
C GLY A 186 -2.36 -7.97 3.89
N TYR A 187 -2.63 -8.48 5.08
CA TYR A 187 -1.70 -8.33 6.19
C TYR A 187 -0.69 -9.47 6.27
N THR A 188 0.34 -9.26 7.08
CA THR A 188 1.36 -10.26 7.36
C THR A 188 1.94 -9.94 8.74
N LYS A 189 2.31 -11.00 9.47
CA LYS A 189 2.79 -10.80 10.83
C LYS A 189 4.05 -9.93 10.83
N PHE A 190 4.18 -9.08 11.86
CA PHE A 190 5.22 -8.08 11.92
C PHE A 190 6.23 -8.33 13.03
N GLN A 191 5.77 -8.55 14.26
CA GLN A 191 6.66 -8.75 15.40
C GLN A 191 6.15 -9.91 16.24
N LYS A 192 6.97 -10.29 17.23
CA LYS A 192 6.52 -11.21 18.25
C LYS A 192 5.33 -10.66 19.02
N ASP A 193 5.14 -9.34 19.00
CA ASP A 193 4.04 -8.70 19.69
C ASP A 193 2.75 -8.91 18.89
N ASP A 194 1.67 -8.22 19.29
CA ASP A 194 0.39 -8.28 18.60
C ASP A 194 0.38 -7.52 17.28
N LEU A 195 1.52 -6.99 16.84
CA LEU A 195 1.56 -6.13 15.66
C LEU A 195 1.46 -6.95 14.37
N VAL A 196 0.83 -6.35 13.37
CA VAL A 196 0.68 -6.93 12.04
C VAL A 196 0.73 -5.81 11.03
N GLN A 197 1.39 -6.04 9.90
CA GLN A 197 1.69 -4.99 8.94
C GLN A 197 1.08 -5.33 7.59
N CYS A 198 0.56 -4.31 6.90
CA CYS A 198 0.05 -4.50 5.56
C CYS A 198 1.18 -4.56 4.55
N THR A 199 1.00 -5.39 3.52
CA THR A 199 2.04 -5.61 2.53
C THR A 199 2.06 -4.56 1.43
N ALA A 200 1.00 -3.75 1.28
CA ALA A 200 0.92 -2.80 0.19
C ALA A 200 0.90 -1.34 0.64
N CYS A 201 0.41 -1.04 1.85
CA CYS A 201 0.50 0.31 2.39
C CYS A 201 1.33 0.37 3.66
N PHE A 202 1.63 -0.77 4.28
CA PHE A 202 2.57 -0.87 5.38
C PHE A 202 2.09 -0.16 6.64
N HIS A 203 0.78 0.05 6.76
CA HIS A 203 0.21 0.44 8.05
C HIS A 203 0.28 -0.73 9.02
N ARG A 204 0.34 -0.40 10.31
CA ARG A 204 0.46 -1.39 11.37
C ARG A 204 -0.80 -1.39 12.21
N ALA A 205 -1.33 -2.58 12.50
CA ALA A 205 -2.52 -2.74 13.32
C ALA A 205 -2.31 -3.89 14.29
N SER A 206 -3.02 -3.84 15.41
CA SER A 206 -2.98 -4.90 16.39
C SER A 206 -4.08 -5.91 16.11
N LEU A 207 -3.75 -7.19 16.29
CA LEU A 207 -4.74 -8.23 16.09
C LEU A 207 -5.97 -7.99 16.96
N LYS A 208 -5.76 -7.44 18.16
CA LYS A 208 -6.88 -7.13 19.03
C LYS A 208 -7.85 -6.15 18.36
N LYS A 209 -7.32 -5.16 17.64
CA LYS A 209 -8.18 -4.21 16.94
C LYS A 209 -9.06 -4.92 15.91
N LEU A 210 -8.49 -5.86 15.17
CA LEU A 210 -9.17 -6.49 14.04
C LEU A 210 -10.06 -7.65 14.47
N GLU A 211 -10.13 -7.98 15.76
CA GLU A 211 -10.90 -9.15 16.18
C GLU A 211 -12.37 -9.02 15.79
N TYR A 212 -13.07 -8.02 16.34
CA TYR A 212 -14.50 -7.86 16.13
C TYR A 212 -14.84 -6.42 15.78
N THR A 213 -14.00 -5.75 15.00
CA THR A 213 -14.16 -4.33 14.71
C THR A 213 -14.19 -4.11 13.20
N GLU A 214 -15.02 -3.15 12.78
CA GLU A 214 -15.05 -2.71 11.39
C GLU A 214 -13.78 -1.96 11.00
N PHE A 215 -12.94 -1.62 11.98
CA PHE A 215 -11.77 -0.78 11.76
C PHE A 215 -10.97 -1.21 10.53
N ASN A 216 -10.85 -0.28 9.58
CA ASN A 216 -10.02 -0.48 8.39
C ASN A 216 -8.71 0.24 8.63
N GLY A 217 -7.62 -0.53 8.70
CA GLY A 217 -6.31 0.01 8.97
C GLY A 217 -5.52 0.42 7.76
N HIS A 218 -6.14 0.44 6.58
CA HIS A 218 -5.43 0.75 5.34
C HIS A 218 -5.55 2.24 5.01
N ALA A 219 -4.52 2.74 4.32
CA ALA A 219 -4.60 4.08 3.74
C ALA A 219 -5.65 4.11 2.63
N LEU A 220 -6.19 5.30 2.37
CA LEU A 220 -7.19 5.44 1.33
C LEU A 220 -6.66 4.96 -0.02
N TRP A 221 -5.35 5.06 -0.24
CA TRP A 221 -4.72 4.70 -1.50
C TRP A 221 -4.21 3.28 -1.55
N CYS A 222 -4.44 2.48 -0.50
CA CYS A 222 -3.90 1.14 -0.47
C CYS A 222 -4.64 0.22 -1.44
N ARG A 223 -3.90 -0.77 -1.94
CA ARG A 223 -4.50 -1.80 -2.78
C ARG A 223 -5.69 -2.45 -2.10
N TYR A 224 -5.63 -2.62 -0.78
CA TYR A 224 -6.62 -3.37 -0.03
C TYR A 224 -7.63 -2.49 0.72
N TYR A 225 -7.68 -1.19 0.43
CA TYR A 225 -8.54 -0.32 1.23
C TYR A 225 -9.98 -0.79 1.23
N ASN A 226 -10.49 -1.20 0.07
CA ASN A 226 -11.82 -1.83 -0.01
C ASN A 226 -11.64 -3.31 0.33
N LYS A 227 -12.07 -3.70 1.52
CA LYS A 227 -11.80 -5.05 2.01
C LYS A 227 -12.40 -6.10 1.09
N GLU A 228 -13.62 -5.87 0.61
CA GLU A 228 -14.35 -6.88 -0.13
C GLU A 228 -13.79 -7.12 -1.54
N LEU A 229 -12.90 -6.28 -2.03
CA LEU A 229 -12.49 -6.38 -3.42
C LEU A 229 -11.74 -7.69 -3.69
N LEU A 230 -10.70 -7.98 -2.91
CA LEU A 230 -9.91 -9.19 -3.14
C LEU A 230 -10.73 -10.46 -2.93
N PRO A 231 -11.44 -10.62 -1.81
CA PRO A 231 -12.28 -11.83 -1.67
C PRO A 231 -13.33 -11.94 -2.76
N THR A 232 -13.91 -10.82 -3.20
CA THR A 232 -14.93 -10.89 -4.25
C THR A 232 -14.34 -11.38 -5.56
N MET A 233 -13.17 -10.85 -5.94
CA MET A 233 -12.52 -11.34 -7.14
C MET A 233 -12.19 -12.82 -7.00
N LEU A 234 -11.70 -13.24 -5.84
CA LEU A 234 -11.36 -14.64 -5.64
C LEU A 234 -12.60 -15.53 -5.77
N LEU A 235 -13.71 -15.13 -5.16
CA LEU A 235 -14.92 -15.93 -5.24
C LEU A 235 -15.42 -16.02 -6.68
N GLU A 236 -15.44 -14.89 -7.39
CA GLU A 236 -15.82 -14.92 -8.80
C GLU A 236 -14.92 -15.86 -9.58
N LEU A 237 -13.63 -15.90 -9.24
CA LEU A 237 -12.72 -16.84 -9.88
C LEU A 237 -13.09 -18.28 -9.55
N ILE A 238 -13.48 -18.54 -8.30
CA ILE A 238 -13.90 -19.89 -7.92
C ILE A 238 -15.08 -20.34 -8.76
N GLY A 239 -16.08 -19.47 -8.92
CA GLY A 239 -17.26 -19.83 -9.68
C GLY A 239 -16.98 -20.22 -11.11
N LYS A 240 -15.87 -19.76 -11.68
CA LYS A 240 -15.53 -19.99 -13.08
C LYS A 240 -14.61 -21.20 -13.27
N GLU A 241 -14.46 -22.04 -12.25
CA GLU A 241 -13.63 -23.25 -12.37
C GLU A 241 -14.44 -24.49 -12.01
#